data_5JA9
#
_entry.id   5JA9
#
_cell.length_a   45.760
_cell.length_b   60.400
_cell.length_c   88.590
_cell.angle_alpha   90.000
_cell.angle_beta   104.260
_cell.angle_gamma   90.000
#
_symmetry.space_group_name_H-M   'P 1 21 1'
#
loop_
_entity.id
_entity.type
_entity.pdbx_description
1 polymer 'Toxin HigB-2'
2 polymer 'Nanobody 6'
3 non-polymer 'SULFATE ION'
4 non-polymer 1,2-ETHANEDIOL
5 water water
#
loop_
_entity_poly.entity_id
_entity_poly.type
_entity_poly.pdbx_seq_one_letter_code
_entity_poly.pdbx_strand_id
1 'polypeptide(L)'
;MKSVFVESTIFEKYRDEYLSDEEYRLFQAELMLNPKLGDVIQGTGGLRKIRVASKGKGKRGGSRIIYYFLDEKRRFYLLT
IYGKNEMSDLNANQRKQLMAFMEAWRNEQS
;
C,D
2 'polypeptide(L)'
;QVQLQESGGGLVQPGGSLRLSCAASGFTFSNYAMRWYRQAPGEEREFVAFISSVGGSTNYADSVKGRFTISRDNGKNTLY
LQMNSLKPEDTAVYFCVARLSLISDSWGQGTQVTVSSHHHHHH
;
A,B
#
# COMPACT_ATOMS: atom_id res chain seq x y z
N LYS A 2 -8.99 18.21 -3.79
CA LYS A 2 -8.83 19.41 -2.98
C LYS A 2 -7.97 19.15 -1.75
N SER A 3 -7.08 20.09 -1.46
CA SER A 3 -6.18 20.00 -0.30
C SER A 3 -6.92 20.37 0.99
N VAL A 4 -8.15 20.83 0.83
CA VAL A 4 -9.00 21.20 1.95
C VAL A 4 -9.42 19.99 2.79
N PHE A 5 -9.45 18.81 2.17
CA PHE A 5 -9.87 17.61 2.87
C PHE A 5 -8.72 16.64 3.08
N VAL A 6 -8.47 16.30 4.34
CA VAL A 6 -7.47 15.31 4.68
C VAL A 6 -8.19 14.06 5.17
N GLU A 7 -8.01 12.96 4.44
CA GLU A 7 -8.62 11.68 4.77
C GLU A 7 -7.72 10.86 5.70
N SER A 8 -8.30 10.33 6.78
CA SER A 8 -7.56 9.38 7.60
C SER A 8 -7.36 8.09 6.81
N THR A 9 -6.42 7.26 7.24
CA THR A 9 -6.20 5.99 6.56
C THR A 9 -7.48 5.17 6.61
N ILE A 10 -8.18 5.23 7.73
CA ILE A 10 -9.45 4.51 7.85
C ILE A 10 -10.48 5.02 6.86
N PHE A 11 -10.64 6.36 6.76
CA PHE A 11 -11.60 6.96 5.84
C PHE A 11 -11.31 6.54 4.40
N GLU A 12 -10.03 6.59 4.04
CA GLU A 12 -9.62 6.27 2.68
C GLU A 12 -9.87 4.79 2.31
N LYS A 13 -9.67 3.87 3.24
CA LYS A 13 -9.88 2.44 3.00
C LYS A 13 -11.32 2.14 2.64
N TYR A 14 -12.26 2.78 3.33
CA TYR A 14 -13.65 2.34 3.29
C TYR A 14 -14.63 3.30 2.55
N ARG A 15 -14.18 4.50 2.21
CA ARG A 15 -15.05 5.50 1.57
C ARG A 15 -15.84 4.94 0.41
N ASP A 16 -15.18 4.20 -0.48
CA ASP A 16 -15.82 3.74 -1.70
C ASP A 16 -16.97 2.77 -1.46
N GLU A 17 -17.06 2.20 -0.26
CA GLU A 17 -18.19 1.33 0.09
C GLU A 17 -19.48 2.10 0.20
N TYR A 18 -19.36 3.37 0.56
CA TYR A 18 -20.49 4.20 0.93
C TYR A 18 -20.80 5.29 -0.10
N LEU A 19 -19.77 5.76 -0.80
CA LEU A 19 -19.94 6.93 -1.68
C LEU A 19 -19.21 6.79 -3.01
N SER A 20 -19.90 7.09 -4.10
CA SER A 20 -19.23 7.22 -5.38
C SER A 20 -18.41 8.52 -5.35
N ASP A 21 -17.48 8.67 -6.28
CA ASP A 21 -16.69 9.90 -6.36
C ASP A 21 -17.58 11.12 -6.44
N GLU A 22 -18.67 10.98 -7.19
CA GLU A 22 -19.62 12.07 -7.38
C GLU A 22 -20.32 12.43 -6.09
N GLU A 23 -20.70 11.42 -5.31
CA GLU A 23 -21.37 11.62 -4.03
C GLU A 23 -20.45 12.30 -3.02
N TYR A 24 -19.18 11.89 -3.07
CA TYR A 24 -18.13 12.40 -2.21
C TYR A 24 -17.80 13.87 -2.51
N ARG A 25 -17.63 14.20 -3.78
CA ARG A 25 -17.41 15.60 -4.15
C ARG A 25 -18.56 16.49 -3.72
N LEU A 26 -19.78 15.99 -3.82
CA LEU A 26 -20.95 16.72 -3.34
C LEU A 26 -20.83 16.97 -1.85
N PHE A 27 -20.49 15.93 -1.10
CA PHE A 27 -20.28 16.02 0.33
C PHE A 27 -19.23 17.05 0.65
N GLN A 28 -18.11 17.03 -0.08
CA GLN A 28 -17.07 18.02 0.12
C GLN A 28 -17.56 19.44 -0.14
N ALA A 29 -18.37 19.62 -1.18
CA ALA A 29 -18.88 20.93 -1.51
C ALA A 29 -19.79 21.43 -0.41
N GLU A 30 -20.58 20.51 0.15
CA GLU A 30 -21.50 20.85 1.23
C GLU A 30 -20.77 21.36 2.47
N LEU A 31 -19.69 20.69 2.83
CA LEU A 31 -18.93 21.09 4.00
C LEU A 31 -18.20 22.41 3.75
N MET A 32 -17.64 22.57 2.57
CA MET A 32 -16.95 23.82 2.26
C MET A 32 -17.91 24.99 2.40
N LEU A 33 -19.17 24.76 2.00
CA LEU A 33 -20.18 25.80 2.08
C LEU A 33 -20.59 26.03 3.53
N ASN A 34 -20.59 24.97 4.32
CA ASN A 34 -20.88 25.07 5.75
C ASN A 34 -20.11 24.06 6.58
N PRO A 35 -18.95 24.47 7.11
CA PRO A 35 -18.10 23.62 7.96
C PRO A 35 -18.80 23.10 9.21
N LYS A 36 -19.78 23.83 9.73
CA LYS A 36 -20.49 23.42 10.94
C LYS A 36 -21.72 22.59 10.63
N LEU A 37 -21.81 22.09 9.40
CA LEU A 37 -22.95 21.29 8.95
C LEU A 37 -23.25 20.13 9.91
N GLY A 38 -22.28 19.25 10.11
CA GLY A 38 -22.47 18.12 11.00
C GLY A 38 -22.63 18.50 12.46
N ASP A 39 -23.40 17.68 13.18
CA ASP A 39 -23.66 17.90 14.60
C ASP A 39 -22.44 17.57 15.45
N VAL A 40 -22.18 18.41 16.45
CA VAL A 40 -21.07 18.16 17.37
C VAL A 40 -21.30 16.90 18.21
N ILE A 41 -20.24 16.11 18.37
CA ILE A 41 -20.26 14.96 19.26
C ILE A 41 -19.65 15.35 20.58
N GLN A 42 -20.48 15.51 21.60
CA GLN A 42 -19.98 15.93 22.91
C GLN A 42 -18.95 14.95 23.45
N GLY A 43 -18.02 15.47 24.25
CA GLY A 43 -17.00 14.65 24.87
C GLY A 43 -15.83 14.33 23.96
N THR A 44 -15.85 14.83 22.72
CA THR A 44 -14.82 14.49 21.76
C THR A 44 -13.91 15.65 21.36
N GLY A 45 -14.17 16.83 21.90
CA GLY A 45 -13.35 17.99 21.62
C GLY A 45 -13.63 18.64 20.28
N GLY A 46 -14.89 18.58 19.86
CA GLY A 46 -15.31 19.27 18.66
C GLY A 46 -15.40 18.44 17.38
N LEU A 47 -15.41 17.12 17.50
CA LEU A 47 -15.65 16.29 16.34
C LEU A 47 -17.12 16.44 15.94
N ARG A 48 -17.39 16.29 14.64
CA ARG A 48 -18.75 16.42 14.14
C ARG A 48 -19.18 15.20 13.34
N LYS A 49 -20.46 14.86 13.43
CA LYS A 49 -21.04 13.70 12.77
C LYS A 49 -22.14 14.14 11.81
N ILE A 50 -22.05 13.74 10.55
CA ILE A 50 -23.06 14.11 9.57
C ILE A 50 -23.63 12.91 8.81
N ARG A 51 -24.94 12.89 8.63
CA ARG A 51 -25.59 11.84 7.86
C ARG A 51 -25.48 12.09 6.35
N VAL A 52 -25.45 10.99 5.59
CA VAL A 52 -25.37 11.02 4.13
C VAL A 52 -26.21 9.89 3.53
N ALA A 53 -26.97 10.20 2.48
CA ALA A 53 -27.84 9.22 1.84
C ALA A 53 -27.19 8.45 0.68
N SER A 54 -27.99 7.58 0.04
CA SER A 54 -27.58 6.76 -1.09
C SER A 54 -26.19 6.13 -0.96
N GLY A 62 -28.80 5.76 5.31
CA GLY A 62 -27.57 6.06 4.60
C GLY A 62 -26.33 5.70 5.39
N SER A 63 -25.35 6.60 5.38
CA SER A 63 -24.10 6.40 6.11
C SER A 63 -23.75 7.65 6.91
N ARG A 64 -22.71 7.56 7.73
CA ARG A 64 -22.31 8.67 8.60
C ARG A 64 -20.83 8.94 8.46
N ILE A 65 -20.46 10.23 8.49
CA ILE A 65 -19.06 10.64 8.45
C ILE A 65 -18.75 11.47 9.69
N ILE A 66 -17.59 11.23 10.29
CA ILE A 66 -17.14 12.02 11.43
C ILE A 66 -15.91 12.81 11.01
N TYR A 67 -15.94 14.12 11.24
CA TYR A 67 -14.87 14.99 10.79
C TYR A 67 -14.50 16.01 11.83
N TYR A 68 -13.34 16.62 11.65
CA TYR A 68 -12.93 17.75 12.46
C TYR A 68 -12.59 18.91 11.55
N PHE A 69 -13.14 20.08 11.84
CA PHE A 69 -12.83 21.26 11.04
C PHE A 69 -11.81 22.12 11.74
N LEU A 70 -10.65 22.30 11.12
CA LEU A 70 -9.65 23.17 11.67
C LEU A 70 -9.93 24.54 11.05
N ASP A 71 -10.35 25.50 11.86
CA ASP A 71 -10.77 26.80 11.32
C ASP A 71 -9.55 27.66 10.98
N GLU A 72 -8.47 27.47 11.73
CA GLU A 72 -7.27 28.30 11.58
C GLU A 72 -6.71 28.13 10.17
N LYS A 73 -6.33 26.91 9.82
CA LYS A 73 -6.06 26.58 8.43
C LYS A 73 -7.31 25.89 7.92
N ARG A 74 -7.98 26.47 6.92
CA ARG A 74 -9.34 26.05 6.60
C ARG A 74 -9.33 24.64 6.03
N ARG A 75 -9.32 23.67 6.94
CA ARG A 75 -9.05 22.30 6.56
C ARG A 75 -9.96 21.34 7.30
N PHE A 76 -10.43 20.30 6.60
CA PHE A 76 -11.26 19.28 7.23
C PHE A 76 -10.47 18.00 7.42
N TYR A 77 -10.55 17.44 8.61
CA TYR A 77 -10.03 16.09 8.83
C TYR A 77 -11.17 15.09 8.78
N LEU A 78 -11.14 14.19 7.81
CA LEU A 78 -12.17 13.17 7.74
C LEU A 78 -11.69 11.90 8.47
N LEU A 79 -12.23 11.65 9.66
CA LEU A 79 -11.74 10.57 10.53
C LEU A 79 -12.21 9.22 10.06
N THR A 80 -13.51 9.10 9.84
CA THR A 80 -14.08 7.81 9.50
C THR A 80 -15.42 7.92 8.79
N ILE A 81 -15.83 6.79 8.22
CA ILE A 81 -17.13 6.69 7.56
C ILE A 81 -17.68 5.29 7.82
N TYR A 82 -18.99 5.19 8.03
CA TYR A 82 -19.60 3.90 8.35
C TYR A 82 -21.10 3.98 8.13
N GLY A 83 -21.77 2.83 8.09
CA GLY A 83 -23.20 2.81 7.88
C GLY A 83 -23.98 2.86 9.19
N LYS A 84 -25.25 3.24 9.10
CA LYS A 84 -26.10 3.30 10.28
C LYS A 84 -26.32 1.91 10.84
N ASN A 85 -26.24 1.78 12.15
CA ASN A 85 -26.49 0.51 12.82
C ASN A 85 -25.36 -0.49 12.57
N GLU A 86 -24.26 -0.01 11.99
CA GLU A 86 -23.09 -0.85 11.77
C GLU A 86 -22.05 -0.70 12.89
N MET A 87 -21.62 0.53 13.14
CA MET A 87 -20.69 0.81 14.21
C MET A 87 -21.25 1.92 15.09
N SER A 88 -22.55 2.15 14.98
CA SER A 88 -23.21 3.34 15.47
C SER A 88 -23.29 3.44 17.00
N ASP A 89 -22.75 2.44 17.70
CA ASP A 89 -22.74 2.49 19.15
C ASP A 89 -21.53 3.30 19.62
N LEU A 90 -21.79 4.31 20.45
CA LEU A 90 -20.73 5.22 20.93
C LEU A 90 -20.74 5.38 22.44
N ASN A 91 -19.78 4.79 23.15
CA ASN A 91 -19.70 4.99 24.59
C ASN A 91 -18.70 6.06 24.97
N ALA A 92 -18.39 6.15 26.25
CA ALA A 92 -17.46 7.15 26.77
C ALA A 92 -16.02 6.83 26.38
N ASN A 93 -15.67 5.54 26.41
CA ASN A 93 -14.33 5.12 26.06
C ASN A 93 -14.07 5.33 24.57
N GLN A 94 -15.11 5.18 23.75
CA GLN A 94 -15.00 5.38 22.30
C GLN A 94 -14.86 6.86 21.95
N ARG A 95 -15.48 7.71 22.75
CA ARG A 95 -15.33 9.15 22.56
C ARG A 95 -13.89 9.54 22.85
N LYS A 96 -13.32 8.94 23.90
CA LYS A 96 -11.94 9.21 24.27
C LYS A 96 -10.99 8.78 23.16
N GLN A 97 -11.25 7.62 22.58
CA GLN A 97 -10.39 7.08 21.53
C GLN A 97 -10.41 7.93 20.28
N LEU A 98 -11.59 8.45 19.93
CA LEU A 98 -11.72 9.35 18.80
C LEU A 98 -10.86 10.59 19.02
N MET A 99 -10.89 11.11 20.23
CA MET A 99 -10.04 12.23 20.63
C MET A 99 -8.56 11.91 20.43
N ALA A 100 -8.13 10.77 20.98
CA ALA A 100 -6.74 10.33 20.89
C ALA A 100 -6.32 10.17 19.44
N PHE A 101 -7.16 9.52 18.66
CA PHE A 101 -6.96 9.37 17.23
C PHE A 101 -6.78 10.75 16.61
N MET A 102 -7.70 11.65 16.98
CA MET A 102 -7.70 13.01 16.47
C MET A 102 -6.52 13.85 16.93
N GLU A 103 -6.33 13.95 18.24
CA GLU A 103 -5.28 14.78 18.81
C GLU A 103 -3.90 14.33 18.35
N ALA A 104 -3.70 13.02 18.26
CA ALA A 104 -2.46 12.48 17.72
C ALA A 104 -2.30 12.89 16.26
N TRP A 105 -3.40 12.77 15.52
CA TRP A 105 -3.41 13.01 14.08
C TRP A 105 -3.17 14.49 13.76
N ARG A 106 -3.75 15.38 14.58
CA ARG A 106 -3.77 16.82 14.29
C ARG A 106 -2.62 17.63 14.90
N ASN A 107 -1.85 17.02 15.79
CA ASN A 107 -0.72 17.72 16.42
C ASN A 107 0.35 18.13 15.43
N GLU A 108 0.68 17.21 14.51
CA GLU A 108 1.79 17.39 13.58
C GLU A 108 1.45 18.33 12.42
N GLN A 109 0.17 18.64 12.28
CA GLN A 109 -0.30 19.50 11.19
C GLN A 109 -0.77 20.85 11.70
N LYS B 2 19.20 21.08 -12.82
CA LYS B 2 19.53 22.35 -12.18
C LYS B 2 20.39 22.12 -10.93
N SER B 3 21.40 22.97 -10.75
CA SER B 3 22.29 22.87 -9.60
C SER B 3 21.62 23.42 -8.35
N VAL B 4 20.44 24.00 -8.55
CA VAL B 4 19.61 24.49 -7.46
C VAL B 4 19.12 23.32 -6.61
N PHE B 5 19.05 22.13 -7.23
CA PHE B 5 18.57 20.93 -6.58
C PHE B 5 19.69 19.93 -6.36
N VAL B 6 19.87 19.56 -5.10
CA VAL B 6 20.83 18.55 -4.72
C VAL B 6 20.06 17.32 -4.29
N GLU B 7 20.27 16.22 -5.01
CA GLU B 7 19.62 14.96 -4.70
C GLU B 7 20.50 14.13 -3.74
N SER B 8 19.92 13.63 -2.65
CA SER B 8 20.64 12.70 -1.80
C SER B 8 20.82 11.37 -2.54
N THR B 9 21.73 10.54 -2.05
N THR B 9 21.74 10.56 -2.06
CA THR B 9 21.96 9.22 -2.67
CA THR B 9 21.97 9.21 -2.60
C THR B 9 20.67 8.41 -2.68
C THR B 9 20.67 8.43 -2.68
N ILE B 10 19.88 8.51 -1.61
CA ILE B 10 18.61 7.80 -1.56
C ILE B 10 17.64 8.31 -2.63
N PHE B 11 17.50 9.63 -2.71
CA PHE B 11 16.59 10.26 -3.67
C PHE B 11 16.92 9.85 -5.10
N GLU B 12 18.20 9.86 -5.44
CA GLU B 12 18.62 9.53 -6.80
C GLU B 12 18.34 8.08 -7.18
N LYS B 13 18.55 7.14 -6.25
CA LYS B 13 18.31 5.72 -6.50
C LYS B 13 16.86 5.46 -6.84
N TYR B 14 15.96 6.13 -6.15
CA TYR B 14 14.54 5.75 -6.21
C TYR B 14 13.60 6.73 -6.94
N ARG B 15 14.08 7.92 -7.29
CA ARG B 15 13.23 8.93 -7.96
C ARG B 15 12.42 8.37 -9.15
N ASP B 16 13.09 7.66 -10.06
CA ASP B 16 12.46 7.19 -11.30
C ASP B 16 11.36 6.17 -11.05
N GLU B 17 11.37 5.60 -9.85
CA GLU B 17 10.34 4.66 -9.47
C GLU B 17 8.99 5.37 -9.33
N TYR B 18 9.05 6.66 -9.00
CA TYR B 18 7.87 7.48 -8.67
C TYR B 18 7.55 8.59 -9.70
N LEU B 19 8.57 9.12 -10.37
CA LEU B 19 8.35 10.28 -11.23
C LEU B 19 9.09 10.15 -12.54
N SER B 20 8.40 10.50 -13.62
CA SER B 20 9.06 10.62 -14.91
C SER B 20 9.93 11.86 -14.86
N ASP B 21 10.84 11.98 -15.83
CA ASP B 21 11.65 13.19 -15.91
C ASP B 21 10.78 14.43 -15.96
N GLU B 22 9.69 14.33 -16.71
CA GLU B 22 8.78 15.46 -16.91
C GLU B 22 8.06 15.85 -15.62
N GLU B 23 7.65 14.85 -14.86
CA GLU B 23 6.95 15.09 -13.60
C GLU B 23 7.91 15.70 -12.60
N TYR B 24 9.15 15.25 -12.68
CA TYR B 24 10.23 15.73 -11.83
C TYR B 24 10.58 17.19 -12.14
N ARG B 25 10.74 17.50 -13.42
CA ARG B 25 11.02 18.88 -13.80
C ARG B 25 9.90 19.79 -13.36
N LEU B 26 8.67 19.32 -13.45
CA LEU B 26 7.51 20.05 -12.98
C LEU B 26 7.61 20.33 -11.48
N PHE B 27 7.95 19.28 -10.73
CA PHE B 27 8.13 19.38 -9.28
C PHE B 27 9.19 20.44 -8.95
N GLN B 28 10.29 20.40 -9.67
CA GLN B 28 11.36 21.38 -9.47
C GLN B 28 10.86 22.81 -9.73
N ALA B 29 10.05 22.96 -10.77
CA ALA B 29 9.51 24.26 -11.12
C ALA B 29 8.58 24.76 -10.02
N GLU B 30 7.76 23.84 -9.51
CA GLU B 30 6.83 24.18 -8.43
C GLU B 30 7.56 24.65 -7.19
N LEU B 31 8.64 23.94 -6.83
CA LEU B 31 9.41 24.32 -5.66
C LEU B 31 10.16 25.63 -5.85
N MET B 32 10.73 25.85 -7.03
CA MET B 32 11.43 27.09 -7.29
C MET B 32 10.47 28.26 -7.15
N LEU B 33 9.23 28.05 -7.55
CA LEU B 33 8.19 29.09 -7.49
C LEU B 33 7.76 29.36 -6.06
N ASN B 34 7.74 28.31 -5.25
CA ASN B 34 7.42 28.44 -3.84
C ASN B 34 8.21 27.43 -3.02
N PRO B 35 9.39 27.88 -2.52
CA PRO B 35 10.27 27.03 -1.71
C PRO B 35 9.61 26.49 -0.45
N LYS B 36 8.68 27.26 0.11
CA LYS B 36 8.01 26.87 1.34
C LYS B 36 6.75 26.07 1.06
N LEU B 37 6.66 25.56 -0.17
CA LEU B 37 5.49 24.81 -0.62
C LEU B 37 5.10 23.67 0.32
N GLY B 38 5.98 22.69 0.47
CA GLY B 38 5.71 21.55 1.33
C GLY B 38 5.63 21.92 2.79
N ASP B 39 4.82 21.18 3.55
CA ASP B 39 4.65 21.43 4.98
C ASP B 39 5.88 21.05 5.81
N VAL B 40 6.20 21.87 6.80
CA VAL B 40 7.31 21.57 7.69
C VAL B 40 7.02 20.34 8.57
N ILE B 41 8.02 19.49 8.72
CA ILE B 41 7.95 18.39 9.67
C ILE B 41 8.69 18.79 10.93
N GLN B 42 7.95 19.15 11.98
CA GLN B 42 8.61 19.59 13.21
C GLN B 42 9.47 18.49 13.78
N GLY B 43 10.48 18.89 14.56
CA GLY B 43 11.38 17.94 15.20
C GLY B 43 12.48 17.50 14.26
N THR B 44 12.45 18.04 13.05
CA THR B 44 13.41 17.65 12.02
C THR B 44 14.33 18.81 11.70
N GLY B 45 14.08 19.95 12.34
CA GLY B 45 14.91 21.11 12.13
C GLY B 45 14.61 21.81 10.83
N GLY B 46 13.34 21.78 10.41
CA GLY B 46 12.91 22.51 9.22
C GLY B 46 12.81 21.73 7.92
N LEU B 47 12.79 20.40 7.98
CA LEU B 47 12.56 19.58 6.80
C LEU B 47 11.12 19.80 6.36
N ARG B 48 10.85 19.67 5.07
CA ARG B 48 9.51 19.88 4.54
C ARG B 48 9.04 18.66 3.73
N LYS B 49 7.74 18.41 3.81
CA LYS B 49 7.14 17.25 3.17
C LYS B 49 6.09 17.70 2.17
N ILE B 50 6.24 17.28 0.93
CA ILE B 50 5.27 17.67 -0.07
C ILE B 50 4.70 16.45 -0.77
N ARG B 51 3.38 16.45 -0.93
CA ARG B 51 2.72 15.37 -1.63
C ARG B 51 2.86 15.61 -3.13
N VAL B 52 2.87 14.54 -3.90
CA VAL B 52 2.98 14.64 -5.35
C VAL B 52 2.09 13.63 -6.05
N ALA B 53 1.38 14.09 -7.07
CA ALA B 53 0.49 13.21 -7.81
C ALA B 53 1.28 12.60 -8.95
N SER B 54 1.33 11.27 -8.98
CA SER B 54 2.10 10.54 -9.99
C SER B 54 1.19 9.89 -11.02
N GLY B 62 -0.66 9.10 -4.39
CA GLY B 62 0.56 9.48 -5.07
C GLY B 62 1.82 9.17 -4.28
N SER B 63 2.76 10.10 -4.27
CA SER B 63 4.03 9.90 -3.55
C SER B 63 4.38 11.11 -2.69
N ARG B 64 5.45 10.98 -1.90
CA ARG B 64 5.89 12.05 -1.00
C ARG B 64 7.40 12.31 -1.11
N ILE B 65 7.76 13.59 -1.09
CA ILE B 65 9.16 14.00 -1.10
C ILE B 65 9.45 14.85 0.13
N ILE B 66 10.60 14.57 0.75
CA ILE B 66 11.07 15.34 1.90
C ILE B 66 12.31 16.12 1.48
N TYR B 67 12.29 17.43 1.70
CA TYR B 67 13.37 18.29 1.24
C TYR B 67 13.71 19.32 2.30
N TYR B 68 14.87 19.93 2.12
CA TYR B 68 15.28 21.07 2.95
C TYR B 68 15.64 22.21 2.04
N PHE B 69 15.10 23.38 2.33
CA PHE B 69 15.43 24.58 1.56
C PHE B 69 16.45 25.41 2.34
N LEU B 70 17.61 25.58 1.73
CA LEU B 70 18.67 26.41 2.28
C LEU B 70 18.49 27.83 1.77
N ASP B 71 18.27 28.76 2.68
CA ASP B 71 17.90 30.12 2.29
C ASP B 71 19.05 30.92 1.71
N GLU B 72 20.24 30.74 2.28
CA GLU B 72 21.40 31.56 1.94
C GLU B 72 21.80 31.38 0.48
N LYS B 73 22.18 30.15 0.13
CA LYS B 73 22.34 29.78 -1.26
C LYS B 73 21.06 29.06 -1.64
N ARG B 74 20.34 29.62 -2.60
CA ARG B 74 18.96 29.20 -2.83
C ARG B 74 18.93 27.80 -3.42
N ARG B 75 19.00 26.80 -2.55
CA ARG B 75 19.19 25.44 -2.98
C ARG B 75 18.30 24.50 -2.20
N PHE B 76 17.80 23.49 -2.88
CA PHE B 76 16.96 22.50 -2.25
C PHE B 76 17.77 21.23 -2.07
N TYR B 77 17.69 20.65 -0.87
CA TYR B 77 18.22 19.32 -0.65
C TYR B 77 17.07 18.33 -0.69
N LEU B 78 17.11 17.41 -1.65
CA LEU B 78 16.08 16.40 -1.76
C LEU B 78 16.52 15.14 -1.03
N LEU B 79 15.99 14.92 0.17
CA LEU B 79 16.45 13.84 1.03
C LEU B 79 15.95 12.48 0.58
N THR B 80 14.64 12.37 0.38
CA THR B 80 14.07 11.07 0.04
C THR B 80 12.76 11.19 -0.69
N ILE B 81 12.35 10.08 -1.31
CA ILE B 81 11.08 10.00 -2.01
C ILE B 81 10.51 8.61 -1.75
N TYR B 82 9.19 8.53 -1.58
CA TYR B 82 8.54 7.27 -1.28
C TYR B 82 7.06 7.38 -1.61
N GLY B 83 6.39 6.23 -1.66
CA GLY B 83 4.97 6.18 -1.99
C GLY B 83 4.10 6.30 -0.75
N LYS B 84 2.82 6.57 -0.95
CA LYS B 84 1.88 6.64 0.17
C LYS B 84 1.71 5.26 0.81
N ASN B 85 1.70 5.25 2.15
CA ASN B 85 1.49 4.04 2.96
C ASN B 85 2.67 3.07 2.97
N GLU B 86 3.75 3.42 2.29
CA GLU B 86 4.99 2.67 2.44
C GLU B 86 5.91 3.51 3.31
N MET B 87 6.38 2.97 4.43
CA MET B 87 7.38 3.67 5.22
C MET B 87 6.82 4.95 5.87
N SER B 88 5.50 5.10 5.87
CA SER B 88 4.86 6.39 6.15
C SER B 88 4.85 6.86 7.60
N ASP B 89 5.33 6.03 8.52
CA ASP B 89 5.36 6.39 9.94
C ASP B 89 6.61 7.15 10.36
N LEU B 90 6.43 8.25 11.09
CA LEU B 90 7.56 9.05 11.57
C LEU B 90 7.47 9.28 13.07
N ASN B 91 8.32 8.59 13.82
CA ASN B 91 8.40 8.78 15.25
C ASN B 91 9.53 9.74 15.59
N ALA B 92 9.90 9.76 16.87
CA ALA B 92 10.97 10.64 17.33
C ALA B 92 12.33 10.17 16.83
N ASN B 93 12.54 8.86 16.79
CA ASN B 93 13.80 8.31 16.31
C ASN B 93 13.97 8.56 14.83
N GLN B 94 12.86 8.50 14.10
CA GLN B 94 12.87 8.70 12.66
C GLN B 94 13.07 10.17 12.31
N ARG B 95 12.48 11.05 13.11
CA ARG B 95 12.70 12.47 12.93
C ARG B 95 14.16 12.80 13.27
N LYS B 96 14.67 12.17 14.32
CA LYS B 96 16.04 12.40 14.74
C LYS B 96 17.01 11.95 13.66
N GLN B 97 16.76 10.78 13.08
CA GLN B 97 17.62 10.23 12.03
C GLN B 97 17.57 11.11 10.80
N LEU B 98 16.38 11.62 10.49
CA LEU B 98 16.24 12.54 9.39
C LEU B 98 17.11 13.78 9.63
N MET B 99 17.05 14.33 10.84
CA MET B 99 17.92 15.43 11.22
C MET B 99 19.39 15.09 11.08
N ALA B 100 19.79 13.95 11.66
CA ALA B 100 21.18 13.52 11.63
C ALA B 100 21.69 13.36 10.20
N PHE B 101 20.90 12.70 9.36
CA PHE B 101 21.21 12.59 7.94
C PHE B 101 21.35 13.97 7.34
N MET B 102 20.40 14.84 7.65
CA MET B 102 20.39 16.19 7.13
C MET B 102 21.59 16.97 7.68
N GLU B 103 21.76 16.94 9.00
CA GLU B 103 22.86 17.64 9.64
C GLU B 103 24.19 17.13 9.11
N ALA B 104 24.28 15.82 8.90
CA ALA B 104 25.46 15.25 8.27
C ALA B 104 25.58 15.78 6.85
N TRP B 105 24.45 15.80 6.14
CA TRP B 105 24.43 16.19 4.74
C TRP B 105 24.72 17.67 4.51
N ARG B 106 24.19 18.52 5.38
CA ARG B 106 24.25 19.97 5.13
C ARG B 106 25.49 20.61 5.77
N ASN B 107 26.19 19.85 6.60
CA ASN B 107 27.41 20.37 7.22
C ASN B 107 28.45 20.66 6.15
N GLU B 108 28.59 19.74 5.21
CA GLU B 108 29.61 19.84 4.18
C GLU B 108 29.19 20.80 3.07
N GLN C 1 -3.48 -11.41 20.49
CA GLN C 1 -3.41 -10.59 19.29
C GLN C 1 -4.56 -10.93 18.34
N VAL C 2 -5.16 -9.90 17.75
CA VAL C 2 -6.15 -10.13 16.71
C VAL C 2 -5.46 -10.67 15.48
N GLN C 3 -5.99 -11.78 14.96
CA GLN C 3 -5.44 -12.35 13.73
C GLN C 3 -6.53 -12.77 12.80
N LEU C 4 -6.30 -12.55 11.52
CA LEU C 4 -7.16 -13.08 10.47
C LEU C 4 -6.29 -13.87 9.55
N GLN C 5 -6.69 -15.10 9.23
CA GLN C 5 -5.86 -15.96 8.39
C GLN C 5 -6.72 -16.53 7.29
N GLU C 6 -6.47 -16.07 6.07
CA GLU C 6 -7.21 -16.53 4.90
C GLU C 6 -6.63 -17.80 4.34
N SER C 7 -7.50 -18.61 3.76
N SER C 7 -7.51 -18.63 3.79
CA SER C 7 -7.05 -19.75 3.00
CA SER C 7 -7.11 -19.84 3.12
C SER C 7 -8.08 -20.04 1.94
C SER C 7 -8.17 -20.22 2.09
N GLY C 8 -7.79 -21.03 1.10
CA GLY C 8 -8.72 -21.47 0.09
C GLY C 8 -8.41 -20.95 -1.30
N GLY C 9 -7.39 -20.13 -1.43
CA GLY C 9 -6.97 -19.61 -2.70
C GLY C 9 -6.44 -20.72 -3.61
N GLY C 10 -6.21 -20.40 -4.87
CA GLY C 10 -5.69 -21.39 -5.81
C GLY C 10 -5.61 -20.87 -7.22
N LEU C 11 -5.16 -21.75 -8.11
CA LEU C 11 -5.01 -21.43 -9.50
C LEU C 11 -6.03 -22.30 -10.19
N VAL C 12 -7.01 -21.68 -10.82
CA VAL C 12 -8.17 -22.43 -11.21
C VAL C 12 -8.61 -22.03 -12.61
N GLN C 13 -9.27 -22.95 -13.28
CA GLN C 13 -9.72 -22.68 -14.65
C GLN C 13 -10.90 -21.69 -14.63
N PRO C 14 -10.93 -20.74 -15.59
CA PRO C 14 -12.07 -19.83 -15.80
C PRO C 14 -13.37 -20.62 -15.86
N GLY C 15 -14.43 -20.08 -15.26
CA GLY C 15 -15.67 -20.83 -15.09
C GLY C 15 -15.76 -21.66 -13.81
N GLY C 16 -14.62 -21.94 -13.20
CA GLY C 16 -14.58 -22.77 -12.00
C GLY C 16 -15.00 -22.02 -10.73
N SER C 17 -14.90 -22.71 -9.59
CA SER C 17 -15.24 -22.14 -8.30
C SER C 17 -14.10 -22.30 -7.32
N LEU C 18 -14.15 -21.47 -6.27
CA LEU C 18 -13.27 -21.60 -5.12
C LEU C 18 -14.09 -21.27 -3.87
N ARG C 19 -13.60 -21.68 -2.70
CA ARG C 19 -14.20 -21.16 -1.49
C ARG C 19 -13.11 -20.71 -0.53
N LEU C 20 -13.08 -19.40 -0.29
CA LEU C 20 -12.10 -18.80 0.60
C LEU C 20 -12.62 -18.95 2.01
N SER C 21 -11.70 -19.20 2.94
N SER C 21 -11.70 -19.16 2.94
CA SER C 21 -12.04 -19.23 4.35
CA SER C 21 -12.09 -19.13 4.33
C SER C 21 -11.15 -18.23 5.09
C SER C 21 -11.20 -18.13 5.02
N CYS C 22 -11.68 -17.62 6.13
CA CYS C 22 -10.88 -16.70 6.95
C CYS C 22 -11.08 -17.12 8.38
N ALA C 23 -10.02 -17.64 9.00
CA ALA C 23 -10.12 -18.05 10.39
C ALA C 23 -9.77 -16.88 11.28
N ALA C 24 -10.73 -16.42 12.07
CA ALA C 24 -10.48 -15.26 12.93
C ALA C 24 -10.05 -15.74 14.30
N SER C 25 -9.15 -14.98 14.94
CA SER C 25 -8.77 -15.31 16.30
C SER C 25 -8.45 -14.07 17.11
N GLY C 26 -8.58 -14.22 18.42
CA GLY C 26 -8.20 -13.18 19.36
C GLY C 26 -9.22 -12.07 19.56
N PHE C 27 -10.43 -12.25 19.06
CA PHE C 27 -11.47 -11.27 19.35
C PHE C 27 -12.83 -11.91 19.24
N THR C 28 -13.85 -11.24 19.78
CA THR C 28 -15.19 -11.79 19.74
C THR C 28 -15.83 -11.56 18.36
N PHE C 29 -15.50 -12.46 17.45
CA PHE C 29 -15.87 -12.43 16.02
C PHE C 29 -17.32 -12.06 15.78
N SER C 30 -18.23 -12.66 16.53
CA SER C 30 -19.65 -12.48 16.26
C SER C 30 -20.17 -11.06 16.54
N ASN C 31 -19.35 -10.22 17.17
CA ASN C 31 -19.78 -8.86 17.43
C ASN C 31 -19.44 -7.89 16.31
N TYR C 32 -18.76 -8.37 15.28
CA TYR C 32 -18.23 -7.48 14.24
C TYR C 32 -18.67 -7.80 12.83
N ALA C 33 -19.04 -6.78 12.06
CA ALA C 33 -19.30 -6.96 10.66
C ALA C 33 -17.98 -7.37 10.01
N MET C 34 -18.04 -8.23 9.00
CA MET C 34 -16.83 -8.68 8.32
C MET C 34 -16.88 -8.36 6.84
N ARG C 35 -15.70 -8.27 6.24
CA ARG C 35 -15.60 -7.90 4.83
C ARG C 35 -14.56 -8.72 4.13
N TRP C 36 -14.75 -8.85 2.82
CA TRP C 36 -13.73 -9.30 1.90
C TRP C 36 -13.33 -8.13 1.00
N TYR C 37 -12.03 -7.94 0.81
CA TYR C 37 -11.50 -6.99 -0.16
C TYR C 37 -10.58 -7.77 -1.09
N ARG C 38 -10.19 -7.18 -2.21
CA ARG C 38 -9.24 -7.87 -3.08
C ARG C 38 -8.34 -6.89 -3.75
N GLN C 39 -7.16 -7.35 -4.17
CA GLN C 39 -6.26 -6.44 -4.86
C GLN C 39 -5.47 -7.09 -5.97
N ALA C 40 -5.67 -6.62 -7.20
CA ALA C 40 -4.91 -7.14 -8.34
C ALA C 40 -3.54 -6.46 -8.44
N PRO C 41 -2.56 -7.14 -9.08
CA PRO C 41 -1.26 -6.51 -9.30
C PRO C 41 -1.35 -5.13 -9.94
N GLY C 42 -0.75 -4.13 -9.29
CA GLY C 42 -0.69 -2.79 -9.84
C GLY C 42 -1.95 -1.97 -9.69
N GLU C 43 -2.96 -2.54 -9.04
CA GLU C 43 -4.25 -1.86 -8.89
C GLU C 43 -4.46 -1.51 -7.43
N GLU C 44 -5.47 -0.67 -7.18
CA GLU C 44 -5.82 -0.33 -5.81
C GLU C 44 -6.69 -1.45 -5.25
N ARG C 45 -6.70 -1.59 -3.93
CA ARG C 45 -7.52 -2.62 -3.27
C ARG C 45 -8.98 -2.21 -3.42
N GLU C 46 -9.87 -3.18 -3.57
CA GLU C 46 -11.27 -2.84 -3.76
C GLU C 46 -12.21 -3.72 -2.96
N PHE C 47 -13.28 -3.12 -2.51
CA PHE C 47 -14.35 -3.82 -1.81
C PHE C 47 -14.92 -4.99 -2.62
N VAL C 48 -15.09 -6.15 -1.97
CA VAL C 48 -15.74 -7.31 -2.62
C VAL C 48 -17.10 -7.61 -1.98
N ALA C 49 -17.13 -7.81 -0.66
CA ALA C 49 -18.38 -8.16 0.03
C ALA C 49 -18.41 -7.78 1.51
N PHE C 50 -19.61 -7.62 2.05
CA PHE C 50 -19.81 -7.22 3.43
C PHE C 50 -20.87 -8.10 4.06
N ILE C 51 -20.65 -8.50 5.31
N ILE C 51 -20.65 -8.49 5.32
CA ILE C 51 -21.67 -9.22 6.04
CA ILE C 51 -21.67 -9.23 6.04
C ILE C 51 -21.82 -8.66 7.45
C ILE C 51 -21.82 -8.66 7.45
N SER C 52 -23.07 -8.52 7.90
CA SER C 52 -23.33 -7.97 9.21
C SER C 52 -22.86 -8.94 10.28
N SER C 53 -22.74 -8.46 11.51
CA SER C 53 -22.21 -9.26 12.62
C SER C 53 -22.94 -10.60 12.78
N VAL C 54 -24.27 -10.57 12.81
CA VAL C 54 -25.07 -11.79 12.91
C VAL C 54 -25.08 -12.57 11.60
N GLY C 55 -24.80 -11.87 10.50
CA GLY C 55 -24.73 -12.50 9.19
C GLY C 55 -25.99 -12.44 8.34
N GLY C 56 -27.04 -11.79 8.85
CA GLY C 56 -28.29 -11.73 8.11
C GLY C 56 -28.28 -10.74 6.95
N SER C 57 -27.48 -9.70 7.07
CA SER C 57 -27.44 -8.68 6.03
C SER C 57 -26.12 -8.77 5.27
N THR C 58 -26.20 -8.64 3.95
CA THR C 58 -25.01 -8.74 3.11
C THR C 58 -25.07 -7.76 1.94
N ASN C 59 -23.91 -7.39 1.41
CA ASN C 59 -23.92 -6.66 0.14
C ASN C 59 -22.59 -6.83 -0.57
N TYR C 60 -22.62 -6.57 -1.88
CA TYR C 60 -21.57 -7.02 -2.78
C TYR C 60 -21.16 -5.93 -3.77
N ALA C 61 -19.92 -5.95 -4.21
CA ALA C 61 -19.50 -5.15 -5.36
C ALA C 61 -20.31 -5.58 -6.57
N ASP C 62 -20.69 -4.61 -7.40
CA ASP C 62 -21.40 -4.91 -8.65
C ASP C 62 -20.74 -6.02 -9.48
N SER C 63 -19.43 -5.97 -9.56
CA SER C 63 -18.71 -6.90 -10.41
C SER C 63 -18.83 -8.37 -9.97
N VAL C 64 -19.18 -8.63 -8.71
CA VAL C 64 -19.26 -10.04 -8.27
C VAL C 64 -20.66 -10.48 -7.87
N LYS C 65 -21.60 -9.54 -7.83
CA LYS C 65 -22.97 -9.84 -7.46
C LYS C 65 -23.54 -11.01 -8.26
N GLY C 66 -24.16 -11.96 -7.59
CA GLY C 66 -24.77 -13.09 -8.25
C GLY C 66 -23.81 -14.25 -8.48
N ARG C 67 -22.51 -14.02 -8.27
CA ARG C 67 -21.52 -15.08 -8.44
C ARG C 67 -20.89 -15.44 -7.11
N PHE C 68 -20.65 -14.42 -6.29
CA PHE C 68 -20.02 -14.62 -4.97
C PHE C 68 -21.06 -14.57 -3.85
N THR C 69 -20.79 -15.36 -2.81
CA THR C 69 -21.60 -15.40 -1.61
C THR C 69 -20.70 -15.25 -0.40
N ILE C 70 -21.01 -14.27 0.45
CA ILE C 70 -20.26 -14.11 1.71
C ILE C 70 -21.09 -14.76 2.80
N SER C 71 -20.44 -15.46 3.71
N SER C 71 -20.42 -15.45 3.71
CA SER C 71 -21.15 -16.07 4.81
CA SER C 71 -21.10 -16.20 4.77
C SER C 71 -20.22 -16.17 6.02
C SER C 71 -20.19 -16.33 5.99
N ARG C 72 -20.78 -16.49 7.17
CA ARG C 72 -19.96 -16.62 8.37
C ARG C 72 -20.45 -17.70 9.33
N ASP C 73 -19.51 -18.22 10.11
CA ASP C 73 -19.81 -19.21 11.15
C ASP C 73 -19.32 -18.56 12.43
N ASN C 74 -20.27 -18.19 13.30
CA ASN C 74 -19.93 -17.42 14.50
C ASN C 74 -19.56 -18.32 15.68
N GLY C 75 -19.53 -19.62 15.46
CA GLY C 75 -19.08 -20.58 16.47
C GLY C 75 -17.66 -21.02 16.15
N LYS C 76 -17.37 -21.13 14.87
CA LYS C 76 -16.04 -21.43 14.35
C LYS C 76 -15.21 -20.16 14.15
N ASN C 77 -15.87 -19.01 14.33
CA ASN C 77 -15.28 -17.70 14.08
C ASN C 77 -14.58 -17.67 12.74
N THR C 78 -15.30 -18.06 11.70
N THR C 78 -15.30 -18.10 11.71
CA THR C 78 -14.72 -18.14 10.38
CA THR C 78 -14.77 -18.14 10.37
C THR C 78 -15.64 -17.43 9.37
C THR C 78 -15.65 -17.36 9.41
N LEU C 79 -15.02 -16.73 8.44
CA LEU C 79 -15.73 -16.01 7.38
C LEU C 79 -15.48 -16.74 6.07
N TYR C 80 -16.45 -16.78 5.17
CA TYR C 80 -16.30 -17.49 3.90
C TYR C 80 -16.62 -16.61 2.71
N LEU C 81 -15.98 -16.91 1.58
CA LEU C 81 -16.37 -16.34 0.29
C LEU C 81 -16.45 -17.48 -0.73
N GLN C 82 -17.66 -17.89 -1.04
CA GLN C 82 -17.90 -18.85 -2.13
C GLN C 82 -17.86 -18.08 -3.45
N MET C 83 -16.97 -18.49 -4.35
CA MET C 83 -16.77 -17.80 -5.64
C MET C 83 -17.08 -18.74 -6.78
N ASN C 84 -18.14 -18.47 -7.53
CA ASN C 84 -18.55 -19.28 -8.69
C ASN C 84 -18.36 -18.49 -10.00
N SER C 85 -18.36 -19.21 -11.12
CA SER C 85 -18.25 -18.60 -12.45
C SER C 85 -17.08 -17.62 -12.51
N LEU C 86 -15.93 -18.10 -12.06
CA LEU C 86 -14.75 -17.25 -11.92
C LEU C 86 -14.26 -16.79 -13.28
N LYS C 87 -13.71 -15.59 -13.34
CA LYS C 87 -13.15 -15.06 -14.58
C LYS C 87 -11.74 -14.54 -14.34
N PRO C 88 -10.95 -14.40 -15.41
CA PRO C 88 -9.59 -13.88 -15.28
C PRO C 88 -9.54 -12.58 -14.47
N GLU C 89 -10.59 -11.77 -14.56
CA GLU C 89 -10.63 -10.46 -13.91
C GLU C 89 -10.76 -10.56 -12.39
N ASP C 90 -11.06 -11.76 -11.91
CA ASP C 90 -11.16 -12.03 -10.48
C ASP C 90 -9.79 -12.33 -9.87
N THR C 91 -8.78 -12.40 -10.73
CA THR C 91 -7.43 -12.70 -10.28
C THR C 91 -6.93 -11.58 -9.39
N ALA C 92 -6.49 -11.94 -8.18
CA ALA C 92 -6.12 -10.98 -7.16
C ALA C 92 -5.79 -11.67 -5.85
N VAL C 93 -5.13 -10.94 -4.93
CA VAL C 93 -5.04 -11.39 -3.55
C VAL C 93 -6.33 -10.99 -2.83
N TYR C 94 -6.94 -11.94 -2.13
CA TYR C 94 -8.16 -11.66 -1.38
C TYR C 94 -7.90 -11.53 0.11
N PHE C 95 -8.44 -10.47 0.70
CA PHE C 95 -8.20 -10.11 2.10
C PHE C 95 -9.46 -10.21 2.94
N CYS C 96 -9.34 -10.88 4.09
CA CYS C 96 -10.30 -10.86 5.19
C CYS C 96 -10.11 -9.56 6.01
N VAL C 97 -11.19 -8.83 6.30
CA VAL C 97 -11.07 -7.50 6.94
C VAL C 97 -12.06 -7.34 8.07
N ALA C 98 -11.53 -7.05 9.26
CA ALA C 98 -12.34 -6.77 10.44
C ALA C 98 -12.20 -5.29 10.87
N ARG C 99 -13.29 -4.54 10.84
CA ARG C 99 -13.31 -3.22 11.44
C ARG C 99 -13.67 -3.38 12.92
N LEU C 100 -12.71 -3.04 13.76
CA LEU C 100 -12.81 -3.36 15.19
C LEU C 100 -13.40 -2.21 15.99
N SER C 101 -13.37 -1.00 15.41
CA SER C 101 -14.02 0.18 15.96
C SER C 101 -14.17 1.19 14.83
N LEU C 102 -14.56 2.42 15.14
CA LEU C 102 -14.70 3.44 14.11
C LEU C 102 -13.36 3.79 13.46
N ILE C 103 -12.27 3.59 14.21
CA ILE C 103 -10.96 4.05 13.76
C ILE C 103 -9.87 3.00 13.81
N SER C 104 -10.26 1.74 13.93
CA SER C 104 -9.28 0.68 13.91
C SER C 104 -9.79 -0.54 13.15
N ASP C 105 -8.87 -1.33 12.64
CA ASP C 105 -9.26 -2.51 11.88
C ASP C 105 -8.15 -3.54 11.89
N SER C 106 -8.41 -4.68 11.28
CA SER C 106 -7.36 -5.66 11.11
C SER C 106 -7.57 -6.34 9.76
N TRP C 107 -6.47 -6.57 9.05
CA TRP C 107 -6.50 -7.17 7.71
C TRP C 107 -5.70 -8.45 7.70
N GLY C 108 -6.20 -9.50 7.04
CA GLY C 108 -5.41 -10.71 6.92
C GLY C 108 -4.27 -10.42 5.98
N GLN C 109 -3.35 -11.36 5.85
CA GLN C 109 -2.27 -11.21 4.90
C GLN C 109 -2.73 -11.56 3.49
N GLY C 110 -3.88 -12.21 3.40
CA GLY C 110 -4.48 -12.50 2.10
C GLY C 110 -4.18 -13.88 1.53
N THR C 111 -5.05 -14.31 0.62
CA THR C 111 -4.83 -15.56 -0.10
C THR C 111 -4.90 -15.26 -1.60
N GLN C 112 -3.98 -15.83 -2.36
CA GLN C 112 -3.90 -15.59 -3.79
C GLN C 112 -4.93 -16.40 -4.59
N VAL C 113 -5.71 -15.70 -5.41
CA VAL C 113 -6.61 -16.32 -6.38
C VAL C 113 -6.15 -16.00 -7.78
N THR C 114 -5.93 -17.03 -8.58
CA THR C 114 -5.57 -16.81 -9.97
C THR C 114 -6.49 -17.62 -10.88
N VAL C 115 -7.15 -16.93 -11.78
N VAL C 115 -7.15 -16.93 -11.80
CA VAL C 115 -8.03 -17.57 -12.73
CA VAL C 115 -8.04 -17.58 -12.74
C VAL C 115 -7.41 -17.57 -14.13
C VAL C 115 -7.44 -17.58 -14.13
N SER C 116 -7.02 -18.74 -14.61
CA SER C 116 -6.29 -18.85 -15.86
C SER C 116 -6.39 -20.23 -16.49
N SER C 117 -6.57 -20.23 -17.81
N SER C 117 -6.57 -20.23 -17.81
CA SER C 117 -6.67 -21.46 -18.58
CA SER C 117 -6.66 -21.46 -18.57
C SER C 117 -5.32 -22.16 -18.66
C SER C 117 -5.31 -22.16 -18.65
N HIS C 118 -4.27 -21.51 -18.17
CA HIS C 118 -2.94 -22.11 -18.17
C HIS C 118 -2.62 -22.78 -16.82
N HIS C 119 -3.64 -22.94 -15.99
CA HIS C 119 -3.44 -23.53 -14.66
C HIS C 119 -2.69 -24.87 -14.69
N HIS C 120 -2.95 -25.68 -15.73
CA HIS C 120 -2.41 -27.03 -15.81
C HIS C 120 -0.91 -27.06 -16.13
N HIS C 121 -0.28 -25.90 -16.28
CA HIS C 121 1.16 -25.92 -16.52
C HIS C 121 1.92 -25.91 -15.20
N HIS C 122 1.20 -25.60 -14.13
CA HIS C 122 1.81 -25.59 -12.79
C HIS C 122 1.47 -26.76 -11.86
N HIS C 123 1.07 -27.88 -12.46
N HIS C 123 0.98 -27.87 -12.42
CA HIS C 123 0.63 -29.07 -11.72
CA HIS C 123 0.68 -29.06 -11.64
C HIS C 123 -0.06 -30.05 -12.67
C HIS C 123 0.23 -30.23 -12.53
N GLN D 1 24.43 -8.50 10.88
CA GLN D 1 24.57 -7.54 9.79
C GLN D 1 23.50 -7.76 8.72
N VAL D 2 22.91 -6.67 8.22
CA VAL D 2 21.93 -6.80 7.15
C VAL D 2 22.63 -7.23 5.87
N GLN D 3 22.15 -8.32 5.26
CA GLN D 3 22.69 -8.83 4.00
C GLN D 3 21.58 -9.32 3.10
N LEU D 4 21.77 -9.09 1.82
CA LEU D 4 20.93 -9.67 0.77
C LEU D 4 21.85 -10.40 -0.20
N GLN D 5 21.44 -11.60 -0.58
CA GLN D 5 22.27 -12.39 -1.47
C GLN D 5 21.44 -12.99 -2.60
N GLU D 6 21.66 -12.49 -3.79
CA GLU D 6 20.92 -12.96 -4.95
C GLU D 6 21.52 -14.22 -5.53
N SER D 7 20.69 -15.03 -6.16
CA SER D 7 21.22 -16.14 -6.93
C SER D 7 20.21 -16.51 -8.02
N GLY D 8 20.61 -17.44 -8.88
CA GLY D 8 19.69 -17.91 -9.90
C GLY D 8 19.98 -17.37 -11.28
N GLY D 9 21.01 -16.55 -11.39
CA GLY D 9 21.41 -15.99 -12.66
C GLY D 9 21.88 -17.05 -13.61
N GLY D 10 22.08 -16.66 -14.85
CA GLY D 10 22.56 -17.56 -15.89
C GLY D 10 22.54 -16.95 -17.29
N LEU D 11 22.95 -17.78 -18.25
CA LEU D 11 22.98 -17.43 -19.64
C LEU D 11 21.97 -18.33 -20.33
N VAL D 12 20.95 -17.73 -20.95
CA VAL D 12 19.79 -18.49 -21.34
C VAL D 12 19.33 -18.05 -22.72
N GLN D 13 18.61 -18.92 -23.42
CA GLN D 13 18.11 -18.61 -24.74
C GLN D 13 16.90 -17.68 -24.65
N PRO D 14 16.80 -16.74 -25.60
CA PRO D 14 15.63 -15.86 -25.76
C PRO D 14 14.34 -16.69 -25.79
N GLY D 15 13.28 -16.24 -25.14
CA GLY D 15 12.09 -17.05 -24.96
C GLY D 15 12.16 -17.91 -23.70
N GLY D 16 13.36 -18.12 -23.17
CA GLY D 16 13.51 -18.99 -22.01
C GLY D 16 13.10 -18.34 -20.67
N SER D 17 13.24 -19.09 -19.58
CA SER D 17 12.91 -18.61 -18.24
C SER D 17 14.07 -18.76 -17.29
N LEU D 18 14.01 -17.98 -16.21
CA LEU D 18 14.91 -18.07 -15.07
C LEU D 18 14.11 -17.83 -13.80
N ARG D 19 14.65 -18.23 -12.66
CA ARG D 19 14.06 -17.78 -11.39
C ARG D 19 15.16 -17.25 -10.46
N LEU D 20 15.14 -15.95 -10.16
CA LEU D 20 16.11 -15.35 -9.24
C LEU D 20 15.63 -15.55 -7.81
N SER D 21 16.57 -15.79 -6.90
CA SER D 21 16.26 -15.84 -5.49
C SER D 21 17.12 -14.82 -4.76
N CYS D 22 16.57 -14.25 -3.71
CA CYS D 22 17.34 -13.34 -2.86
C CYS D 22 17.16 -13.79 -1.44
N ALA D 23 18.22 -14.29 -0.82
CA ALA D 23 18.15 -14.69 0.58
C ALA D 23 18.50 -13.51 1.50
N ALA D 24 17.55 -13.08 2.32
CA ALA D 24 17.81 -11.96 3.22
C ALA D 24 18.33 -12.50 4.54
N SER D 25 19.18 -11.72 5.21
N SER D 25 19.14 -11.69 5.23
CA SER D 25 19.63 -12.14 6.51
CA SER D 25 19.80 -12.12 6.46
C SER D 25 19.84 -10.90 7.38
C SER D 25 20.05 -10.93 7.39
N GLY D 26 19.77 -11.09 8.69
CA GLY D 26 20.11 -10.04 9.64
C GLY D 26 19.06 -8.97 9.89
N PHE D 27 17.85 -9.17 9.40
CA PHE D 27 16.76 -8.25 9.74
C PHE D 27 15.41 -8.92 9.63
N THR D 28 14.39 -8.28 10.22
CA THR D 28 13.06 -8.87 10.17
C THR D 28 12.41 -8.60 8.80
N PHE D 29 12.76 -9.47 7.84
CA PHE D 29 12.34 -9.42 6.43
C PHE D 29 10.88 -9.09 6.23
N SER D 30 10.01 -9.74 7.00
CA SER D 30 8.57 -9.59 6.81
C SER D 30 8.03 -8.20 7.15
N ASN D 31 8.87 -7.33 7.72
CA ASN D 31 8.43 -5.96 8.01
C ASN D 31 8.71 -4.99 6.88
N TYR D 32 9.38 -5.46 5.84
CA TYR D 32 9.85 -4.55 4.80
C TYR D 32 9.35 -4.87 3.40
N ALA D 33 8.94 -3.82 2.69
CA ALA D 33 8.62 -3.96 1.28
C ALA D 33 9.93 -4.31 0.59
N MET D 34 9.89 -5.17 -0.41
CA MET D 34 11.09 -5.57 -1.13
C MET D 34 10.98 -5.23 -2.61
N ARG D 35 12.14 -5.06 -3.25
CA ARG D 35 12.18 -4.69 -4.66
C ARG D 35 13.26 -5.47 -5.40
N TRP D 36 13.07 -5.62 -6.71
CA TRP D 36 14.12 -6.00 -7.64
C TRP D 36 14.46 -4.81 -8.51
N TYR D 37 15.75 -4.60 -8.72
CA TYR D 37 16.24 -3.60 -9.65
C TYR D 37 17.15 -4.30 -10.63
N ARG D 38 17.49 -3.63 -11.72
CA ARG D 38 18.45 -4.24 -12.64
C ARG D 38 19.30 -3.19 -13.29
N GLN D 39 20.47 -3.61 -13.77
CA GLN D 39 21.32 -2.66 -14.46
C GLN D 39 21.86 -3.28 -15.72
N ALA D 40 21.40 -2.76 -16.86
CA ALA D 40 21.84 -3.23 -18.16
C ALA D 40 23.20 -2.59 -18.40
N PRO D 41 24.02 -3.19 -19.26
CA PRO D 41 25.35 -2.66 -19.56
C PRO D 41 25.32 -1.18 -19.97
N GLY D 42 26.08 -0.35 -19.25
CA GLY D 42 26.21 1.06 -19.59
C GLY D 42 25.04 1.92 -19.15
N GLU D 43 24.07 1.30 -18.48
CA GLU D 43 22.86 1.99 -18.05
C GLU D 43 22.81 2.14 -16.53
N GLU D 44 21.89 2.96 -16.06
CA GLU D 44 21.69 3.15 -14.63
C GLU D 44 20.82 2.04 -14.06
N ARG D 45 20.88 1.85 -12.74
CA ARG D 45 20.08 0.83 -12.10
C ARG D 45 18.62 1.26 -12.16
N GLU D 46 17.73 0.33 -12.53
CA GLU D 46 16.34 0.70 -12.73
C GLU D 46 15.36 -0.26 -12.08
N PHE D 47 14.25 0.28 -11.63
CA PHE D 47 13.17 -0.49 -11.03
C PHE D 47 12.66 -1.62 -11.93
N VAL D 48 12.51 -2.81 -11.35
CA VAL D 48 11.91 -3.94 -12.04
C VAL D 48 10.57 -4.28 -11.37
N ALA D 49 10.59 -4.50 -10.05
CA ALA D 49 9.38 -4.93 -9.37
C ALA D 49 9.38 -4.60 -7.87
N PHE D 50 8.18 -4.52 -7.29
CA PHE D 50 7.96 -4.16 -5.88
C PHE D 50 6.97 -5.14 -5.27
N ILE D 51 7.23 -5.56 -4.03
CA ILE D 51 6.23 -6.33 -3.29
C ILE D 51 6.12 -5.82 -1.85
N SER D 52 4.90 -5.69 -1.35
CA SER D 52 4.68 -5.17 0.00
C SER D 52 5.19 -6.14 1.04
N SER D 53 5.33 -5.67 2.28
CA SER D 53 5.89 -6.48 3.37
C SER D 53 5.13 -7.80 3.55
N VAL D 54 3.80 -7.74 3.61
CA VAL D 54 2.98 -8.95 3.78
C VAL D 54 2.92 -9.79 2.51
N GLY D 55 3.23 -9.18 1.37
CA GLY D 55 3.25 -9.87 0.10
C GLY D 55 1.95 -9.76 -0.68
N GLY D 56 0.99 -9.03 -0.13
CA GLY D 56 -0.33 -8.87 -0.73
C GLY D 56 -0.40 -7.89 -1.90
N SER D 57 0.53 -6.94 -1.95
N SER D 57 0.64 -7.08 -2.05
CA SER D 57 0.55 -5.94 -3.01
CA SER D 57 0.59 -5.98 -3.01
C SER D 57 1.80 -6.05 -3.89
C SER D 57 1.84 -5.96 -3.89
N THR D 58 1.64 -5.86 -5.21
CA THR D 58 2.77 -5.91 -6.13
C THR D 58 2.62 -4.87 -7.26
N ASN D 59 3.73 -4.46 -7.84
CA ASN D 59 3.69 -3.68 -9.08
C ASN D 59 5.02 -3.81 -9.80
N TYR D 60 5.01 -3.49 -11.08
CA TYR D 60 6.07 -3.88 -12.02
C TYR D 60 6.41 -2.74 -12.95
N ALA D 61 7.65 -2.67 -13.42
CA ALA D 61 7.95 -1.80 -14.57
C ALA D 61 7.17 -2.28 -15.80
N ASP D 62 6.73 -1.33 -16.63
CA ASP D 62 6.02 -1.64 -17.87
C ASP D 62 6.69 -2.68 -18.74
N SER D 63 8.00 -2.59 -18.89
CA SER D 63 8.76 -3.48 -19.76
C SER D 63 8.76 -4.95 -19.31
N VAL D 64 8.38 -5.22 -18.07
CA VAL D 64 8.36 -6.62 -17.62
C VAL D 64 6.98 -7.15 -17.27
N LYS D 65 5.97 -6.29 -17.26
CA LYS D 65 4.60 -6.72 -16.94
C LYS D 65 4.14 -7.92 -17.79
N GLY D 66 3.55 -8.90 -17.12
CA GLY D 66 3.00 -10.07 -17.81
C GLY D 66 4.05 -11.14 -18.04
N ARG D 67 5.30 -10.80 -17.79
CA ARG D 67 6.41 -11.73 -18.02
C ARG D 67 7.11 -12.09 -16.70
N PHE D 68 7.30 -11.08 -15.84
CA PHE D 68 7.99 -11.30 -14.55
C PHE D 68 6.97 -11.32 -13.42
N THR D 69 7.27 -12.11 -12.39
CA THR D 69 6.43 -12.17 -11.21
C THR D 69 7.32 -12.11 -9.97
N ILE D 70 7.03 -11.20 -9.07
CA ILE D 70 7.77 -11.08 -7.82
C ILE D 70 6.99 -11.78 -6.73
N SER D 71 7.69 -12.47 -5.83
CA SER D 71 7.02 -13.13 -4.71
C SER D 71 7.98 -13.23 -3.53
N ARG D 72 7.46 -13.58 -2.36
CA ARG D 72 8.33 -13.68 -1.19
C ARG D 72 7.89 -14.80 -0.27
N ASP D 73 8.85 -15.31 0.49
CA ASP D 73 8.61 -16.33 1.51
C ASP D 73 9.12 -15.72 2.81
N ASN D 74 8.19 -15.38 3.69
CA ASN D 74 8.51 -14.64 4.88
C ASN D 74 8.92 -15.55 6.04
N GLY D 75 8.98 -16.85 5.78
CA GLY D 75 9.44 -17.80 6.79
C GLY D 75 10.88 -18.14 6.47
N LYS D 76 11.14 -18.21 5.18
CA LYS D 76 12.47 -18.43 4.60
C LYS D 76 13.24 -17.13 4.39
N ASN D 77 12.56 -16.00 4.59
CA ASN D 77 13.10 -14.66 4.35
C ASN D 77 13.78 -14.59 3.00
N THR D 78 13.04 -14.98 1.97
N THR D 78 13.02 -14.97 1.98
CA THR D 78 13.59 -15.04 0.62
CA THR D 78 13.53 -15.03 0.63
C THR D 78 12.63 -14.35 -0.35
C THR D 78 12.61 -14.23 -0.29
N LEU D 79 13.21 -13.62 -1.29
CA LEU D 79 12.47 -12.89 -2.33
C LEU D 79 12.71 -13.62 -3.64
N TYR D 80 11.72 -13.65 -4.52
CA TYR D 80 11.89 -14.35 -5.80
C TYR D 80 11.56 -13.44 -6.96
N LEU D 81 12.19 -13.68 -8.12
CA LEU D 81 11.73 -13.09 -9.37
C LEU D 81 11.64 -14.18 -10.45
N GLN D 82 10.42 -14.62 -10.74
CA GLN D 82 10.16 -15.57 -11.83
C GLN D 82 10.18 -14.81 -13.13
N MET D 83 11.07 -15.20 -14.05
CA MET D 83 11.22 -14.49 -15.31
C MET D 83 10.90 -15.37 -16.50
N ASN D 84 9.80 -15.07 -17.19
CA ASN D 84 9.40 -15.83 -18.39
C ASN D 84 9.55 -14.99 -19.67
N SER D 85 9.53 -15.68 -20.80
CA SER D 85 9.58 -15.02 -22.10
C SER D 85 10.73 -14.02 -22.19
N LEU D 86 11.91 -14.46 -21.79
CA LEU D 86 13.05 -13.58 -21.68
C LEU D 86 13.45 -13.04 -23.05
N LYS D 87 13.95 -11.79 -23.06
CA LYS D 87 14.40 -11.12 -24.28
C LYS D 87 15.81 -10.62 -24.10
N PRO D 88 16.53 -10.43 -25.21
CA PRO D 88 17.88 -9.88 -25.15
C PRO D 88 17.94 -8.60 -24.29
N GLU D 89 16.90 -7.77 -24.33
CA GLU D 89 16.93 -6.50 -23.59
C GLU D 89 16.82 -6.72 -22.08
N ASP D 90 16.54 -7.95 -21.66
CA ASP D 90 16.49 -8.27 -20.24
C ASP D 90 17.86 -8.55 -19.65
N THR D 91 18.87 -8.55 -20.51
CA THR D 91 20.25 -8.79 -20.08
C THR D 91 20.69 -7.69 -19.12
N ALA D 92 21.21 -8.09 -17.96
CA ALA D 92 21.54 -7.15 -16.87
C ALA D 92 21.99 -7.88 -15.62
N VAL D 93 22.58 -7.12 -14.69
CA VAL D 93 22.76 -7.58 -13.33
C VAL D 93 21.48 -7.24 -12.57
N TYR D 94 20.91 -8.24 -11.89
CA TYR D 94 19.70 -8.05 -11.09
C TYR D 94 20.04 -7.99 -9.59
N PHE D 95 19.50 -6.95 -8.94
CA PHE D 95 19.73 -6.64 -7.53
C PHE D 95 18.46 -6.78 -6.73
N CYS D 96 18.57 -7.47 -5.60
CA CYS D 96 17.62 -7.50 -4.51
C CYS D 96 17.75 -6.19 -3.67
N VAL D 97 16.66 -5.52 -3.31
CA VAL D 97 16.74 -4.21 -2.60
C VAL D 97 15.76 -4.09 -1.44
N ALA D 98 16.30 -3.83 -0.25
CA ALA D 98 15.50 -3.58 0.93
C ALA D 98 15.65 -2.11 1.38
N ARG D 99 14.55 -1.34 1.31
CA ARG D 99 14.54 -0.01 1.90
C ARG D 99 14.15 -0.16 3.36
N LEU D 100 15.09 0.17 4.23
CA LEU D 100 14.98 -0.14 5.65
C LEU D 100 14.40 1.01 6.46
N SER D 101 14.47 2.21 5.88
CA SER D 101 13.86 3.43 6.43
C SER D 101 13.75 4.45 5.29
N LEU D 102 13.38 5.68 5.63
CA LEU D 102 13.26 6.72 4.61
C LEU D 102 14.62 7.03 3.99
N ILE D 103 15.68 6.80 4.74
CA ILE D 103 17.02 7.21 4.33
C ILE D 103 18.08 6.11 4.39
N SER D 104 17.64 4.86 4.53
CA SER D 104 18.61 3.77 4.53
C SER D 104 18.09 2.58 3.77
N ASP D 105 19.03 1.80 3.27
CA ASP D 105 18.65 0.64 2.50
C ASP D 105 19.76 -0.37 2.47
N SER D 106 19.48 -1.50 1.82
CA SER D 106 20.51 -2.48 1.56
C SER D 106 20.31 -3.08 0.20
N TRP D 107 21.41 -3.28 -0.52
CA TRP D 107 21.38 -3.87 -1.88
C TRP D 107 22.21 -5.14 -1.94
N GLY D 108 21.73 -6.15 -2.67
CA GLY D 108 22.52 -7.33 -2.85
C GLY D 108 23.74 -7.01 -3.70
N GLN D 109 24.61 -8.00 -3.87
CA GLN D 109 25.75 -7.86 -4.77
C GLN D 109 25.32 -8.05 -6.23
N GLY D 110 24.16 -8.65 -6.44
CA GLY D 110 23.59 -8.82 -7.77
C GLY D 110 23.89 -10.19 -8.37
N THR D 111 23.04 -10.63 -9.29
CA THR D 111 23.31 -11.86 -10.03
C THR D 111 23.17 -11.56 -11.52
N GLN D 112 24.08 -12.09 -12.33
CA GLN D 112 24.08 -11.83 -13.77
C GLN D 112 23.06 -12.65 -14.55
N VAL D 113 22.24 -11.96 -15.33
CA VAL D 113 21.34 -12.58 -16.30
C VAL D 113 21.74 -12.15 -17.70
N THR D 114 21.99 -13.14 -18.57
CA THR D 114 22.28 -12.83 -19.97
C THR D 114 21.33 -13.63 -20.87
N VAL D 115 20.58 -12.91 -21.69
CA VAL D 115 19.66 -13.53 -22.62
C VAL D 115 20.22 -13.40 -24.03
N SER D 116 20.64 -14.51 -24.60
CA SER D 116 21.35 -14.47 -25.87
C SER D 116 21.32 -15.83 -26.55
N SER D 117 21.21 -15.82 -27.87
CA SER D 117 21.13 -17.05 -28.64
C SER D 117 22.40 -17.87 -28.53
N HIS D 118 22.25 -19.06 -27.96
CA HIS D 118 23.35 -20.02 -27.82
C HIS D 118 24.45 -19.56 -26.87
N HIS D 119 25.61 -19.29 -27.45
CA HIS D 119 26.87 -19.17 -26.73
C HIS D 119 27.32 -20.55 -26.27
N HIS D 120 28.60 -20.68 -25.98
CA HIS D 120 29.13 -21.94 -25.51
C HIS D 120 29.11 -22.01 -23.99
N HIS D 121 29.01 -23.22 -23.48
CA HIS D 121 29.18 -23.46 -22.05
C HIS D 121 30.64 -23.89 -21.99
N HIS D 122 31.07 -24.50 -23.09
CA HIS D 122 32.36 -24.24 -23.74
C HIS D 122 32.80 -25.40 -24.65
#